data_7APQ
#
_entry.id   7APQ
#
_cell.length_a   41.820
_cell.length_b   54.610
_cell.length_c   56.460
_cell.angle_alpha   90.000
_cell.angle_beta   90.000
_cell.angle_gamma   90.000
#
_symmetry.space_group_name_H-M   'P 21 21 21'
#
loop_
_entity.id
_entity.type
_entity.pdbx_description
1 polymer 'Peptidyl-prolyl cis-trans isomerase FKBP5'
2 non-polymer (1~{S},5~{S},6~{R})-10-(1,3-benzothiazol-6-ylsulfonyl)-5-(methoxymethyl)-3-(pyridin-2-ylmethyl)-3,10-diazabicyclo[4.3.1]decan-2-one
3 water water
#
_entity_poly.entity_id   1
_entity_poly.type   'polypeptide(L)'
_entity_poly.pdbx_seq_one_letter_code
;GAPATVTEQGEDITSKKDRGVLKIVKRVGNGEETPMIGDKVYVHYKGKLSNGKKFDSSHDRNEPFVFSLGKGQVIKAWDI
GVATMKKGEICHLLCKPEYAYGSAGSLPKIPSNATLFFEIELLDFKGE
;
_entity_poly.pdbx_strand_id   A
#
loop_
_chem_comp.id
_chem_comp.type
_chem_comp.name
_chem_comp.formula
RQW non-polymer (1~{S},5~{S},6~{R})-10-(1,3-benzothiazol-6-ylsulfonyl)-5-(methoxymethyl)-3-(pyridin-2-ylmethyl)-3,10-diazabicyclo[4.3.1]decan-2-one 'C23 H26 N4 O4 S2'
#
# COMPACT_ATOMS: atom_id res chain seq x y z
N GLY A 1 3.40 -2.05 18.06
CA GLY A 1 3.24 -3.08 16.99
C GLY A 1 3.69 -2.53 15.66
N ALA A 2 3.40 -3.24 14.60
CA ALA A 2 3.90 -2.83 13.27
C ALA A 2 3.41 -1.46 12.85
N PRO A 3 2.13 -1.09 13.06
CA PRO A 3 1.71 0.26 12.67
C PRO A 3 2.47 1.37 13.40
N ALA A 4 2.72 1.22 14.69
CA ALA A 4 3.52 2.18 15.45
C ALA A 4 4.92 2.27 14.87
N THR A 5 5.49 1.11 14.54
CA THR A 5 6.87 1.07 14.07
C THR A 5 7.00 1.77 12.72
N VAL A 6 6.09 1.54 11.77
CA VAL A 6 6.20 2.29 10.49
C VAL A 6 5.93 3.77 10.70
N THR A 7 5.04 4.11 11.64
CA THR A 7 4.79 5.55 11.94
C THR A 7 6.06 6.24 12.43
N GLU A 8 6.78 5.56 13.32
CA GLU A 8 7.91 6.20 14.00
C GLU A 8 9.23 5.99 13.27
N GLN A 9 9.34 4.94 12.50
CA GLN A 9 10.62 4.49 11.92
C GLN A 9 10.52 4.30 10.41
N GLY A 10 9.43 4.70 9.77
CA GLY A 10 9.30 4.51 8.34
C GLY A 10 9.97 5.61 7.55
N GLU A 11 10.18 5.34 6.29
CA GLU A 11 10.78 6.30 5.35
C GLU A 11 9.68 7.03 4.61
N ASP A 12 9.79 8.33 4.49
CA ASP A 12 8.87 9.16 3.74
C ASP A 12 9.19 8.96 2.27
N ILE A 13 8.25 8.39 1.51
CA ILE A 13 8.45 8.09 0.06
C ILE A 13 7.64 9.07 -0.79
N THR A 14 7.11 10.12 -0.22
CA THR A 14 6.38 11.12 -1.00
C THR A 14 7.36 12.03 -1.75
N SER A 15 6.97 12.48 -2.92
CA SER A 15 7.74 13.50 -3.65
C SER A 15 7.69 14.84 -2.91
N LYS A 16 6.57 15.13 -2.24
CA LYS A 16 6.40 16.39 -1.50
C LYS A 16 7.15 16.38 -0.17
N LYS A 17 7.60 15.23 0.32
CA LYS A 17 8.22 15.12 1.67
C LYS A 17 7.29 15.64 2.75
N ASP A 18 6.06 15.19 2.70
CA ASP A 18 5.08 15.64 3.69
C ASP A 18 4.74 14.53 4.67
N ARG A 19 5.48 13.44 4.67
CA ARG A 19 5.26 12.28 5.55
C ARG A 19 3.87 11.69 5.38
N GLY A 20 3.28 11.84 4.20
CA GLY A 20 1.94 11.29 3.96
C GLY A 20 1.91 9.81 3.67
N VAL A 21 3.06 9.26 3.23
CA VAL A 21 3.20 7.83 2.92
C VAL A 21 4.56 7.41 3.50
N LEU A 22 4.52 6.56 4.49
CA LEU A 22 5.75 6.04 5.12
C LEU A 22 5.87 4.57 4.84
N LYS A 23 7.12 4.12 4.65
CA LYS A 23 7.35 2.72 4.21
C LYS A 23 8.45 2.07 5.00
N ILE A 24 8.29 0.80 5.28
CA ILE A 24 9.39 -0.09 5.75
C ILE A 24 9.40 -1.30 4.85
N VAL A 25 10.57 -1.65 4.33
CA VAL A 25 10.72 -2.93 3.61
C VAL A 25 10.86 -4.06 4.63
N LYS A 26 9.97 -5.04 4.59
CA LYS A 26 9.92 -6.17 5.54
C LYS A 26 10.61 -7.41 4.97
N ARG A 27 10.39 -7.73 3.70
CA ARG A 27 11.06 -8.82 3.02
C ARG A 27 11.67 -8.20 1.79
N VAL A 28 12.95 -8.35 1.65
CA VAL A 28 13.66 -7.80 0.49
C VAL A 28 13.32 -8.60 -0.78
N GLY A 29 12.96 -7.90 -1.89
CA GLY A 29 12.63 -8.61 -3.12
C GLY A 29 13.81 -8.78 -4.06
N ASN A 30 13.53 -9.06 -5.31
CA ASN A 30 14.52 -9.59 -6.30
C ASN A 30 15.12 -8.43 -7.10
N GLY A 31 16.43 -8.35 -7.09
CA GLY A 31 17.16 -7.45 -7.96
C GLY A 31 16.82 -5.99 -7.72
N GLU A 32 16.81 -5.23 -8.79
N GLU A 32 16.78 -5.20 -8.78
CA GLU A 32 16.68 -3.76 -8.68
CA GLU A 32 16.65 -3.73 -8.63
C GLU A 32 15.35 -3.31 -9.28
C GLU A 32 15.45 -3.22 -9.43
N GLU A 33 14.78 -4.05 -10.24
CA GLU A 33 13.67 -3.51 -11.05
C GLU A 33 12.38 -3.35 -10.25
N THR A 34 11.71 -2.24 -10.49
CA THR A 34 10.38 -1.93 -9.93
C THR A 34 9.42 -1.81 -11.09
N PRO A 35 8.12 -1.94 -10.84
CA PRO A 35 7.15 -1.89 -11.95
C PRO A 35 7.16 -0.48 -12.55
N MET A 36 6.65 -0.39 -13.75
CA MET A 36 6.45 0.91 -14.40
C MET A 36 4.99 1.22 -14.58
N ILE A 37 4.74 2.50 -14.75
CA ILE A 37 3.39 3.06 -14.97
C ILE A 37 2.73 2.21 -16.04
N GLY A 38 1.50 1.84 -15.75
CA GLY A 38 0.70 1.08 -16.70
C GLY A 38 0.90 -0.42 -16.58
N ASP A 39 1.88 -0.90 -15.83
CA ASP A 39 2.03 -2.35 -15.66
C ASP A 39 0.82 -2.91 -14.91
N LYS A 40 0.47 -4.13 -15.24
CA LYS A 40 -0.45 -4.95 -14.44
C LYS A 40 0.32 -5.51 -13.27
N VAL A 41 -0.08 -5.12 -12.09
CA VAL A 41 0.59 -5.54 -10.85
C VAL A 41 -0.34 -6.47 -10.09
N TYR A 42 0.27 -7.48 -9.53
CA TYR A 42 -0.41 -8.52 -8.73
C TYR A 42 0.12 -8.44 -7.32
N VAL A 43 -0.75 -8.23 -6.35
CA VAL A 43 -0.32 -8.12 -4.94
C VAL A 43 -1.19 -8.96 -4.04
N HIS A 44 -0.60 -9.30 -2.89
CA HIS A 44 -1.40 -9.69 -1.72
C HIS A 44 -1.28 -8.57 -0.70
N TYR A 45 -2.35 -8.31 0.05
CA TYR A 45 -2.30 -7.28 1.07
C TYR A 45 -3.24 -7.58 2.22
N LYS A 46 -2.98 -6.89 3.30
CA LYS A 46 -3.94 -6.72 4.41
C LYS A 46 -3.93 -5.26 4.83
N GLY A 47 -5.10 -4.78 5.18
CA GLY A 47 -5.24 -3.41 5.65
C GLY A 47 -5.85 -3.34 7.02
N LYS A 48 -5.35 -2.44 7.84
CA LYS A 48 -5.84 -2.21 9.20
C LYS A 48 -6.13 -0.74 9.39
N LEU A 49 -7.17 -0.45 10.16
CA LEU A 49 -7.49 0.91 10.63
C LEU A 49 -6.62 1.22 11.86
N SER A 50 -6.61 2.48 12.23
CA SER A 50 -5.87 2.97 13.40
C SER A 50 -6.52 2.54 14.71
N ASN A 51 -7.73 1.99 14.66
CA ASN A 51 -8.37 1.38 15.84
C ASN A 51 -7.99 -0.10 16.00
N GLY A 52 -7.11 -0.60 15.13
CA GLY A 52 -6.66 -1.98 15.19
C GLY A 52 -7.46 -2.98 14.37
N LYS A 53 -8.61 -2.59 13.85
N LYS A 53 -8.56 -2.53 13.77
CA LYS A 53 -9.38 -3.59 13.08
CA LYS A 53 -9.48 -3.42 12.99
C LYS A 53 -8.78 -3.81 11.69
C LYS A 53 -8.89 -3.78 11.60
N LYS A 54 -8.78 -5.07 11.28
CA LYS A 54 -8.48 -5.51 9.91
C LYS A 54 -9.73 -5.19 9.12
N PHE A 55 -9.61 -4.39 8.07
CA PHE A 55 -10.75 -4.06 7.21
C PHE A 55 -10.72 -4.85 5.92
N ASP A 56 -9.60 -5.39 5.50
CA ASP A 56 -9.59 -6.18 4.26
C ASP A 56 -8.33 -7.00 4.20
N SER A 57 -8.42 -8.04 3.39
CA SER A 57 -7.32 -8.99 3.18
C SER A 57 -7.54 -9.72 1.88
N SER A 58 -6.58 -9.70 0.98
CA SER A 58 -6.68 -10.55 -0.24
C SER A 58 -6.37 -12.00 0.12
N HIS A 59 -5.50 -12.31 1.09
N HIS A 59 -5.50 -12.27 1.10
CA HIS A 59 -5.21 -13.74 1.41
CA HIS A 59 -5.16 -13.65 1.50
C HIS A 59 -6.48 -14.45 1.87
C HIS A 59 -6.44 -14.40 1.86
N ASP A 60 -7.36 -13.73 2.55
CA ASP A 60 -8.63 -14.32 2.98
C ASP A 60 -9.51 -14.71 1.76
N ARG A 61 -9.28 -14.13 0.59
CA ARG A 61 -10.02 -14.46 -0.66
C ARG A 61 -9.32 -15.50 -1.50
N ASN A 62 -8.08 -15.86 -1.15
CA ASN A 62 -7.32 -16.85 -1.92
C ASN A 62 -7.08 -16.38 -3.35
N GLU A 63 -6.95 -15.08 -3.59
CA GLU A 63 -6.65 -14.58 -4.95
C GLU A 63 -5.99 -13.24 -4.76
N PRO A 64 -5.04 -12.91 -5.63
CA PRO A 64 -4.37 -11.63 -5.54
C PRO A 64 -5.27 -10.50 -5.99
N PHE A 65 -4.90 -9.29 -5.62
CA PHE A 65 -5.52 -8.06 -6.09
C PHE A 65 -4.66 -7.56 -7.25
N VAL A 66 -5.34 -7.21 -8.33
CA VAL A 66 -4.68 -6.87 -9.59
C VAL A 66 -5.11 -5.46 -9.98
N PHE A 67 -4.17 -4.62 -10.37
CA PHE A 67 -4.52 -3.27 -10.85
C PHE A 67 -3.43 -2.81 -11.80
N SER A 68 -3.73 -1.74 -12.51
N SER A 68 -3.74 -1.78 -12.56
CA SER A 68 -2.78 -1.08 -13.43
CA SER A 68 -2.80 -1.11 -13.48
C SER A 68 -2.11 0.05 -12.68
C SER A 68 -2.11 0.05 -12.73
N LEU A 69 -0.79 -0.01 -12.57
CA LEU A 69 -0.05 0.93 -11.70
C LEU A 69 -0.10 2.37 -12.24
N GLY A 70 -0.29 3.34 -11.37
CA GLY A 70 -0.08 4.74 -11.74
C GLY A 70 -1.25 5.38 -12.46
N LYS A 71 -2.41 4.74 -12.41
CA LYS A 71 -3.60 5.18 -13.14
C LYS A 71 -4.72 5.64 -12.20
N GLY A 72 -4.48 5.73 -10.89
CA GLY A 72 -5.53 6.20 -9.97
C GLY A 72 -6.64 5.16 -9.85
N GLN A 73 -6.34 3.88 -10.08
CA GLN A 73 -7.29 2.77 -9.84
C GLN A 73 -7.31 2.42 -8.35
N VAL A 74 -6.33 2.89 -7.61
CA VAL A 74 -6.21 2.66 -6.16
C VAL A 74 -5.89 3.99 -5.50
N ILE A 75 -5.90 4.01 -4.17
CA ILE A 75 -5.55 5.22 -3.42
C ILE A 75 -4.12 5.66 -3.79
N LYS A 76 -3.86 6.94 -3.62
N LYS A 76 -3.93 6.97 -3.68
CA LYS A 76 -2.58 7.51 -4.07
CA LYS A 76 -2.66 7.73 -3.87
C LYS A 76 -1.43 6.79 -3.34
C LYS A 76 -1.48 6.91 -3.33
N ALA A 77 -1.59 6.52 -2.06
CA ALA A 77 -0.48 5.88 -1.33
C ALA A 77 -0.07 4.57 -1.99
N TRP A 78 -1.02 3.81 -2.59
CA TRP A 78 -0.66 2.58 -3.29
C TRP A 78 0.01 2.85 -4.61
N ASP A 79 -0.49 3.79 -5.39
CA ASP A 79 0.24 4.10 -6.63
C ASP A 79 1.67 4.54 -6.32
N ILE A 80 1.86 5.31 -5.27
CA ILE A 80 3.21 5.74 -4.88
C ILE A 80 3.99 4.56 -4.32
N GLY A 81 3.42 3.82 -3.39
CA GLY A 81 4.20 2.82 -2.66
C GLY A 81 4.48 1.61 -3.51
N VAL A 82 3.51 1.08 -4.26
CA VAL A 82 3.80 -0.14 -5.06
C VAL A 82 4.85 0.18 -6.13
N ALA A 83 4.90 1.41 -6.62
CA ALA A 83 5.88 1.79 -7.63
C ALA A 83 7.30 1.67 -7.09
N THR A 84 7.49 1.66 -5.77
CA THR A 84 8.84 1.55 -5.17
C THR A 84 9.25 0.11 -4.97
N MET A 85 8.36 -0.87 -5.15
CA MET A 85 8.62 -2.26 -4.72
C MET A 85 9.29 -3.09 -5.78
N LYS A 86 10.16 -3.99 -5.31
CA LYS A 86 10.73 -5.04 -6.17
C LYS A 86 9.82 -6.26 -6.18
N LYS A 87 9.97 -7.09 -7.21
CA LYS A 87 9.21 -8.34 -7.24
C LYS A 87 9.60 -9.22 -6.04
N GLY A 88 8.61 -9.74 -5.33
CA GLY A 88 8.83 -10.57 -4.14
C GLY A 88 8.96 -9.75 -2.86
N GLU A 89 9.02 -8.43 -2.94
CA GLU A 89 9.14 -7.59 -1.75
C GLU A 89 7.85 -7.70 -0.96
N ILE A 90 7.99 -7.64 0.37
CA ILE A 90 6.87 -7.31 1.30
C ILE A 90 7.24 -6.01 2.01
N CYS A 91 6.29 -5.07 2.05
CA CYS A 91 6.50 -3.82 2.76
C CYS A 91 5.32 -3.51 3.67
N HIS A 92 5.57 -2.60 4.56
CA HIS A 92 4.51 -1.93 5.38
C HIS A 92 4.42 -0.50 4.88
N LEU A 93 3.17 -0.05 4.64
N LEU A 93 3.18 -0.04 4.87
CA LEU A 93 2.90 1.36 4.30
CA LEU A 93 2.83 1.25 4.28
C LEU A 93 1.90 1.96 5.26
C LEU A 93 1.92 1.93 5.30
N LEU A 94 2.26 3.15 5.70
CA LEU A 94 1.41 3.98 6.57
C LEU A 94 0.93 5.12 5.69
N CYS A 95 -0.40 5.27 5.59
CA CYS A 95 -1.03 6.12 4.56
C CYS A 95 -1.90 7.16 5.29
N LYS A 96 -1.46 8.41 5.30
CA LYS A 96 -2.30 9.46 5.89
C LYS A 96 -3.50 9.70 4.96
N PRO A 97 -4.62 10.25 5.48
CA PRO A 97 -5.85 10.31 4.73
C PRO A 97 -5.73 11.07 3.42
N GLU A 98 -4.84 12.05 3.31
CA GLU A 98 -4.66 12.80 2.05
C GLU A 98 -4.15 11.89 0.92
N TYR A 99 -3.56 10.76 1.27
CA TYR A 99 -3.10 9.78 0.28
C TYR A 99 -3.97 8.52 0.30
N ALA A 100 -5.13 8.62 0.90
CA ALA A 100 -6.04 7.47 1.06
C ALA A 100 -7.46 7.97 0.74
N TYR A 101 -8.40 7.88 1.67
CA TYR A 101 -9.82 8.22 1.39
C TYR A 101 -10.20 9.57 1.95
N GLY A 102 -9.28 10.34 2.51
CA GLY A 102 -9.59 11.73 2.82
C GLY A 102 -10.69 11.89 3.85
N SER A 103 -11.38 13.00 3.74
CA SER A 103 -12.53 13.28 4.63
C SER A 103 -13.74 12.43 4.25
N ALA A 104 -13.83 11.96 3.02
CA ALA A 104 -14.99 11.15 2.60
C ALA A 104 -15.02 9.81 3.29
N GLY A 105 -13.87 9.19 3.47
CA GLY A 105 -13.87 7.78 3.86
C GLY A 105 -14.35 6.91 2.74
N SER A 106 -14.68 5.68 3.08
CA SER A 106 -15.18 4.71 2.11
C SER A 106 -16.19 3.87 2.87
N LEU A 107 -17.45 4.03 2.50
CA LEU A 107 -18.57 3.39 3.22
C LEU A 107 -18.69 1.96 2.72
N PRO A 108 -18.75 0.94 3.61
CA PRO A 108 -18.92 1.17 5.05
C PRO A 108 -17.68 1.08 5.97
N LYS A 109 -16.56 0.63 5.46
CA LYS A 109 -15.46 0.15 6.34
C LYS A 109 -14.46 1.24 6.79
N ILE A 110 -14.32 2.30 6.03
N ILE A 110 -14.27 2.29 5.98
CA ILE A 110 -13.23 3.25 6.36
CA ILE A 110 -13.21 3.33 6.19
C ILE A 110 -13.82 4.59 6.75
C ILE A 110 -13.81 4.61 6.73
N PRO A 111 -13.54 5.05 7.99
CA PRO A 111 -14.11 6.29 8.49
C PRO A 111 -13.48 7.50 7.79
N SER A 112 -14.10 8.65 8.02
CA SER A 112 -13.49 9.95 7.62
C SER A 112 -12.11 10.15 8.28
N ASN A 113 -11.19 10.71 7.51
CA ASN A 113 -9.90 11.18 8.05
C ASN A 113 -9.09 10.00 8.64
N ALA A 114 -9.15 8.86 7.95
CA ALA A 114 -8.53 7.61 8.44
C ALA A 114 -7.07 7.48 7.95
N THR A 115 -6.17 7.29 8.89
CA THR A 115 -4.80 6.81 8.59
C THR A 115 -4.86 5.29 8.46
N LEU A 116 -4.34 4.74 7.36
CA LEU A 116 -4.42 3.30 7.08
C LEU A 116 -3.03 2.69 7.15
N PHE A 117 -3.03 1.42 7.56
CA PHE A 117 -1.82 0.59 7.58
C PHE A 117 -2.03 -0.52 6.59
N PHE A 118 -1.04 -0.79 5.75
CA PHE A 118 -1.08 -1.97 4.88
C PHE A 118 0.19 -2.77 5.01
N GLU A 119 0.04 -4.07 4.88
CA GLU A 119 1.15 -4.96 4.50
C GLU A 119 0.89 -5.39 3.07
N ILE A 120 1.86 -5.19 2.19
CA ILE A 120 1.70 -5.49 0.75
C ILE A 120 2.84 -6.40 0.33
N GLU A 121 2.52 -7.39 -0.47
CA GLU A 121 3.50 -8.28 -1.12
C GLU A 121 3.33 -8.09 -2.61
N LEU A 122 4.42 -7.69 -3.31
CA LEU A 122 4.37 -7.54 -4.78
C LEU A 122 4.69 -8.91 -5.39
N LEU A 123 3.66 -9.56 -5.92
CA LEU A 123 3.84 -10.94 -6.45
C LEU A 123 4.46 -10.90 -7.83
N ASP A 124 4.01 -10.00 -8.67
CA ASP A 124 4.41 -9.99 -10.08
C ASP A 124 4.03 -8.67 -10.69
N PHE A 125 4.65 -8.32 -11.79
CA PHE A 125 4.27 -7.15 -12.59
C PHE A 125 4.56 -7.49 -14.05
N LYS A 126 3.67 -7.08 -14.93
CA LYS A 126 3.76 -7.44 -16.36
C LYS A 126 3.36 -6.22 -17.14
N GLY A 127 4.01 -5.95 -18.26
CA GLY A 127 3.48 -4.98 -19.22
C GLY A 127 2.52 -5.69 -20.13
N GLU A 128 1.29 -5.18 -20.22
CA GLU A 128 0.33 -5.53 -21.30
C GLU A 128 0.50 -4.52 -22.44
C20 RQW B . -12.91 -1.31 1.18
C20 RQW B . -12.88 -1.27 1.21
C19 RQW B . -12.36 -0.05 0.99
C19 RQW B . -12.31 0.00 1.07
C17 RQW B . -10.21 -1.05 0.72
C17 RQW B . -10.16 -1.02 0.72
C16 RQW B . -8.23 -2.09 -1.93
C16 RQW B . -8.11 -2.10 -1.91
C14 RQW B . -6.09 -1.32 -2.93
C14 RQW B . -6.02 -1.23 -3.00
C18 RQW B . -11.01 0.08 0.77
C18 RQW B . -10.97 0.11 0.84
C15 RQW B . -6.79 -2.48 -2.24
C15 RQW B . -6.68 -2.42 -2.32
C12 RQW B . -7.57 0.32 -1.78
C12 RQW B . -7.52 0.34 -1.78
C10 RQW B . -12.89 2.46 -3.14
C10 RQW B . -12.88 2.40 -3.24
C9 RQW B . -13.88 2.36 -4.09
C9 RQW B . -13.82 2.39 -4.25
C8 RQW B . -13.55 1.82 -5.31
C8 RQW B . -13.45 1.91 -5.48
C21 RQW B . -14.44 -2.89 1.45
C21 RQW B . -14.44 -2.83 1.38
C22 RQW B . -12.09 -2.44 1.12
C22 RQW B . -12.07 -2.41 1.09
C2 RQW B . -9.90 -3.31 -3.42
C2 RQW B . -9.96 -3.29 -3.09
C4 RQW B . -10.07 -0.80 -3.15
C4 RQW B . -9.99 -0.78 -3.01
C3 RQW B . -9.14 -2.02 -3.18
C3 RQW B . -9.12 -2.04 -3.07
C6 RQW B . -11.32 1.52 -4.53
C6 RQW B . -11.28 1.48 -4.60
C5 RQW B . -9.90 1.08 -4.74
C5 RQW B . -9.86 0.99 -4.75
C1 RQW B . -11.36 -4.80 -2.40
C1 RQW B . -10.62 -3.55 -5.28
O1 RQW B . -10.79 -3.50 -2.37
O1 RQW B . -10.95 -3.08 -4.02
N1 RQW B . -9.34 0.43 -3.56
N1 RQW B . -9.29 0.40 -3.54
C7 RQW B . -12.26 1.40 -5.54
C7 RQW B . -12.16 1.45 -5.66
N2 RQW B . -11.63 2.05 -3.33
N2 RQW B . -11.63 1.95 -3.40
C11 RQW B . -8.20 0.90 -3.03
C11 RQW B . -8.17 0.93 -3.02
O2 RQW B . -7.61 1.86 -3.52
O2 RQW B . -7.64 1.92 -3.54
C13 RQW B . -6.11 -0.07 -2.06
C13 RQW B . -6.06 -0.04 -2.08
N3 RQW B . -8.28 -0.82 -1.17
N3 RQW B . -8.22 -0.81 -1.19
S1 RQW B . -8.49 -0.87 0.44
S1 RQW B . -8.44 -0.84 0.42
O3 RQW B . -8.10 0.40 0.97
O3 RQW B . -8.06 0.43 0.93
O4 RQW B . -7.87 -2.05 0.94
O4 RQW B . -7.82 -2.03 0.92
N4 RQW B . -14.27 -1.59 1.41
N4 RQW B . -14.25 -1.55 1.46
S2 RQW B . -13.02 -3.88 1.32
S2 RQW B . -13.03 -3.85 1.28
C23 RQW B . -10.73 -2.31 0.87
C23 RQW B . -10.70 -2.29 0.84
#